data_6XDS
#
_entry.id   6XDS
#
_cell.length_a   73.840
_cell.length_b   80.350
_cell.length_c   103.890
_cell.angle_alpha   90.000
_cell.angle_beta   90.000
_cell.angle_gamma   90.000
#
_symmetry.space_group_name_H-M   'P 21 21 21'
#
loop_
_entity.id
_entity.type
_entity.pdbx_description
1 polymer 'Sugar ABC transporter substrate-binding protein,Triggering receptor expressed on myeloid cells 2'
2 branched alpha-D-glucopyranose-(1-4)-alpha-D-glucopyranose-(1-4)-alpha-D-glucopyranose
3 non-polymer 2-[(4-bromophenyl)amino]ethan-1-ol
4 non-polymer 'DIMETHYL SULFOXIDE'
5 water water
#
_entity_poly.entity_id   1
_entity_poly.type   'polypeptide(L)'
_entity_poly.pdbx_seq_one_letter_code
;KTEEGKLVIWINGDKGYNGLAEVGKKFEKDTGIKVTVEHPDKLEEKFPQVAATGDGPDIIFWAHDRFGGYAQSGLLAEIT
PAAAFQDKLYPFTWDAVRYNGKLIAYPIAVEALSLIYNKDLLPNPPKTWEEIPALDKELKAKGKSALMFNLQEPYFTWPL
IAADGGYAFKYAAGKYDIKDVGVDNAGAKAGLTFLVDLIKNKHMNADTDYSIAEHAFNHGETAMTINGPWAWSNIDTSAV
NYGVTVLPTFKGQPSKPFVGVLSAGINAASPNKELAKEFLENYLLTDEGLEAVNKDKPLGAVALKSYEEELVKDPRVAAT
MENAQKGEIMPNIPQMSAFWYAVRTAVINAASGRQTVDAALAAAQTNAHDTTVFQGVAGQSLQVSCPYDSMKHWGRRKAW
CRQLGEKGPCQRVVSTHNLWLLSFLRRWNGSTAITDDTLGGTLTITLRNLQPHDAGLYQCQSLHGSEADTLRKVLVEVLA
DPLDHHHHHHHH
;
_entity_poly.pdbx_strand_id   A
#
# COMPACT_ATOMS: atom_id res chain seq x y z
N THR A 2 -9.82 -16.74 16.04
CA THR A 2 -11.26 -16.50 16.11
C THR A 2 -11.97 -17.51 16.99
N GLU A 3 -13.10 -17.11 17.54
CA GLU A 3 -13.91 -17.98 18.37
C GLU A 3 -15.35 -17.64 18.07
N GLU A 4 -16.18 -18.67 17.90
CA GLU A 4 -17.60 -18.46 17.62
C GLU A 4 -18.28 -17.69 18.75
N GLY A 5 -19.12 -16.72 18.40
CA GLY A 5 -19.84 -15.94 19.38
C GLY A 5 -19.20 -14.67 19.87
N LYS A 6 -18.07 -14.29 19.25
CA LYS A 6 -17.41 -13.03 19.60
CA LYS A 6 -17.31 -13.08 19.61
C LYS A 6 -16.78 -12.41 18.34
N LEU A 7 -16.36 -11.15 18.42
CA LEU A 7 -15.77 -10.47 17.26
C LEU A 7 -14.43 -9.88 17.65
N VAL A 8 -13.42 -10.14 16.84
CA VAL A 8 -12.09 -9.58 17.01
C VAL A 8 -11.89 -8.71 15.76
N ILE A 9 -11.52 -7.45 15.95
CA ILE A 9 -11.33 -6.51 14.86
C ILE A 9 -9.92 -5.97 14.88
N TRP A 10 -9.30 -5.82 13.72
CA TRP A 10 -8.00 -5.20 13.61
C TRP A 10 -8.18 -3.88 12.88
N ILE A 11 -7.57 -2.83 13.39
CA ILE A 11 -7.60 -1.51 12.76
C ILE A 11 -6.27 -0.83 13.05
N ASN A 12 -5.79 0.04 12.13
CA ASN A 12 -4.47 0.66 12.31
C ASN A 12 -4.43 1.63 13.48
N GLY A 13 -3.26 1.67 14.13
CA GLY A 13 -3.01 2.49 15.31
C GLY A 13 -3.19 3.99 15.14
N ASP A 14 -3.25 4.49 13.90
CA ASP A 14 -3.50 5.92 13.68
C ASP A 14 -5.00 6.26 13.59
N LYS A 15 -5.89 5.26 13.62
CA LYS A 15 -7.35 5.49 13.51
C LYS A 15 -8.05 5.53 14.87
N GLY A 16 -9.33 5.88 14.87
CA GLY A 16 -10.12 5.98 16.09
C GLY A 16 -10.52 4.65 16.68
N TYR A 17 -9.55 3.84 17.12
CA TYR A 17 -9.84 2.52 17.66
C TYR A 17 -10.59 2.59 18.99
N ASN A 18 -10.40 3.67 19.78
CA ASN A 18 -11.16 3.82 21.02
C ASN A 18 -12.63 4.13 20.70
N GLY A 19 -12.88 4.97 19.69
CA GLY A 19 -14.24 5.26 19.25
C GLY A 19 -14.89 4.02 18.68
N LEU A 20 -14.11 3.20 17.93
CA LEU A 20 -14.65 1.95 17.37
C LEU A 20 -14.97 0.97 18.50
N ALA A 21 -14.12 0.93 19.56
CA ALA A 21 -14.39 0.08 20.72
C ALA A 21 -15.69 0.49 21.42
N GLU A 22 -16.05 1.78 21.41
CA GLU A 22 -17.31 2.29 22.00
C GLU A 22 -18.50 1.71 21.22
N VAL A 23 -18.38 1.64 19.88
CA VAL A 23 -19.46 1.04 19.07
C VAL A 23 -19.55 -0.47 19.42
N GLY A 24 -18.39 -1.12 19.62
CA GLY A 24 -18.32 -2.51 20.03
C GLY A 24 -18.99 -2.73 21.38
N LYS A 25 -18.83 -1.77 22.30
CA LYS A 25 -19.45 -1.85 23.63
C LYS A 25 -20.96 -1.76 23.51
N LYS A 26 -21.48 -0.90 22.64
CA LYS A 26 -22.91 -0.76 22.40
C LYS A 26 -23.47 -2.09 21.82
N PHE A 27 -22.70 -2.72 20.90
CA PHE A 27 -23.10 -3.99 20.31
C PHE A 27 -23.19 -5.06 21.41
N GLU A 28 -22.18 -5.09 22.31
CA GLU A 28 -22.16 -6.04 23.41
C GLU A 28 -23.33 -5.78 24.38
N LYS A 29 -23.65 -4.52 24.62
CA LYS A 29 -24.76 -4.15 25.50
C LYS A 29 -26.09 -4.69 24.96
N ASP A 30 -26.32 -4.55 23.66
CA ASP A 30 -27.57 -5.00 23.06
C ASP A 30 -27.67 -6.47 22.82
N THR A 31 -26.55 -7.14 22.54
CA THR A 31 -26.58 -8.55 22.16
C THR A 31 -25.90 -9.54 23.06
N GLY A 32 -24.94 -9.09 23.85
CA GLY A 32 -24.13 -9.98 24.68
C GLY A 32 -22.83 -10.39 23.99
N ILE A 33 -22.67 -10.05 22.70
CA ILE A 33 -21.47 -10.43 21.94
C ILE A 33 -20.30 -9.51 22.26
N LYS A 34 -19.19 -10.06 22.74
CA LYS A 34 -18.02 -9.27 23.06
C LYS A 34 -17.29 -8.85 21.80
N VAL A 35 -16.92 -7.58 21.70
CA VAL A 35 -16.17 -7.05 20.56
C VAL A 35 -14.80 -6.58 21.06
N THR A 36 -13.72 -7.13 20.51
CA THR A 36 -12.38 -6.76 20.92
C THR A 36 -11.69 -6.05 19.77
N VAL A 37 -11.33 -4.79 19.96
CA VAL A 37 -10.65 -4.02 18.93
C VAL A 37 -9.17 -4.04 19.22
N GLU A 38 -8.36 -4.48 18.26
CA GLU A 38 -6.90 -4.49 18.43
C GLU A 38 -6.27 -3.63 17.35
N HIS A 39 -5.05 -3.10 17.60
CA HIS A 39 -4.32 -2.30 16.62
C HIS A 39 -2.88 -2.84 16.49
N PRO A 40 -2.71 -4.07 16.02
CA PRO A 40 -1.34 -4.61 15.89
C PRO A 40 -0.46 -3.84 14.93
N ASP A 41 0.87 -3.92 15.16
CA ASP A 41 1.80 -3.27 14.24
C ASP A 41 1.81 -4.13 12.95
N LYS A 42 2.00 -3.50 11.79
CA LYS A 42 2.07 -4.19 10.48
C LYS A 42 0.89 -5.15 10.26
N LEU A 43 -0.31 -4.76 10.72
CA LEU A 43 -1.48 -5.64 10.62
C LEU A 43 -1.80 -6.05 9.18
N GLU A 44 -1.51 -5.18 8.23
CA GLU A 44 -1.76 -5.44 6.81
C GLU A 44 -0.81 -6.50 6.24
N GLU A 45 0.38 -6.67 6.85
CA GLU A 45 1.32 -7.70 6.44
C GLU A 45 1.02 -8.97 7.26
N LYS A 46 0.59 -8.85 8.53
CA LYS A 46 0.25 -10.02 9.36
C LYS A 46 -1.02 -10.72 8.90
N PHE A 47 -2.03 -9.95 8.44
CA PHE A 47 -3.30 -10.54 8.02
C PHE A 47 -3.15 -11.70 7.02
N PRO A 48 -2.44 -11.55 5.88
CA PRO A 48 -2.31 -12.69 4.96
C PRO A 48 -1.49 -13.87 5.50
N GLN A 49 -0.70 -13.66 6.54
CA GLN A 49 0.11 -14.74 7.13
C GLN A 49 -0.69 -15.54 8.15
N VAL A 50 -1.59 -14.87 8.91
CA VAL A 50 -2.39 -15.54 9.92
C VAL A 50 -3.75 -16.01 9.40
N ALA A 51 -4.27 -15.41 8.31
CA ALA A 51 -5.56 -15.80 7.76
C ALA A 51 -5.41 -16.98 6.82
N GLY A 54 -6.09 -19.60 9.51
CA GLY A 54 -5.54 -19.82 10.84
C GLY A 54 -6.23 -19.03 11.94
N ASP A 55 -5.47 -18.11 12.58
CA ASP A 55 -5.99 -17.30 13.68
C ASP A 55 -5.98 -15.79 13.40
N GLY A 56 -6.61 -15.40 12.30
CA GLY A 56 -6.74 -14.00 11.95
C GLY A 56 -7.93 -13.39 12.68
N PRO A 57 -8.14 -12.07 12.55
CA PRO A 57 -9.30 -11.44 13.19
C PRO A 57 -10.57 -11.72 12.38
N ASP A 58 -11.76 -11.46 12.93
CA ASP A 58 -13.00 -11.63 12.17
C ASP A 58 -13.12 -10.50 11.13
N ILE A 59 -12.69 -9.29 11.50
CA ILE A 59 -12.79 -8.12 10.64
C ILE A 59 -11.47 -7.41 10.55
N ILE A 60 -11.06 -7.03 9.35
CA ILE A 60 -9.83 -6.27 9.14
C ILE A 60 -10.16 -4.91 8.52
N PHE A 61 -9.62 -3.84 9.09
CA PHE A 61 -9.81 -2.51 8.55
C PHE A 61 -8.49 -2.07 7.94
N TRP A 62 -8.53 -1.55 6.74
CA TRP A 62 -7.38 -0.98 6.07
C TRP A 62 -7.89 -0.18 4.87
N ALA A 63 -7.04 0.67 4.26
CA ALA A 63 -7.47 1.34 3.01
C ALA A 63 -7.68 0.20 1.96
N HIS A 64 -8.58 0.44 1.02
CA HIS A 64 -8.99 -0.55 0.05
C HIS A 64 -7.86 -1.09 -0.85
N ASP A 65 -6.72 -0.36 -0.94
CA ASP A 65 -5.66 -0.79 -1.87
C ASP A 65 -5.11 -2.17 -1.55
N ARG A 66 -5.19 -2.60 -0.28
CA ARG A 66 -4.69 -3.93 0.06
C ARG A 66 -5.67 -5.08 -0.15
N PHE A 67 -6.96 -4.75 -0.35
CA PHE A 67 -7.99 -5.78 -0.36
CA PHE A 67 -8.01 -5.75 -0.39
C PHE A 67 -8.08 -6.63 -1.63
N GLY A 68 -7.65 -6.16 -2.79
CA GLY A 68 -7.67 -6.99 -3.99
C GLY A 68 -6.73 -8.19 -3.82
N GLY A 69 -5.57 -7.94 -3.20
CA GLY A 69 -4.61 -9.01 -2.95
C GLY A 69 -5.17 -10.02 -1.97
N TYR A 70 -5.84 -9.53 -0.90
CA TYR A 70 -6.45 -10.46 0.06
C TYR A 70 -7.56 -11.25 -0.62
N ALA A 71 -8.39 -10.61 -1.45
CA ALA A 71 -9.48 -11.31 -2.12
C ALA A 71 -8.95 -12.38 -3.09
N GLN A 72 -7.92 -12.03 -3.88
CA GLN A 72 -7.32 -12.98 -4.82
C GLN A 72 -6.80 -14.24 -4.12
N SER A 73 -6.26 -14.06 -2.90
CA SER A 73 -5.74 -15.15 -2.08
C SER A 73 -6.85 -15.98 -1.35
N GLY A 74 -8.11 -15.60 -1.53
CA GLY A 74 -9.25 -16.27 -0.90
C GLY A 74 -9.42 -15.95 0.58
N LEU A 75 -8.89 -14.81 1.02
CA LEU A 75 -8.93 -14.44 2.44
C LEU A 75 -10.15 -13.66 2.91
N LEU A 76 -10.95 -13.13 1.98
CA LEU A 76 -12.10 -12.32 2.36
C LEU A 76 -13.43 -12.92 1.90
N ALA A 77 -14.46 -12.79 2.74
CA ALA A 77 -15.77 -13.29 2.37
C ALA A 77 -16.38 -12.27 1.41
N GLU A 78 -17.10 -12.75 0.39
CA GLU A 78 -17.83 -11.83 -0.50
C GLU A 78 -19.01 -11.30 0.34
N ILE A 79 -19.22 -10.00 0.27
CA ILE A 79 -20.27 -9.28 0.97
CA ILE A 79 -20.35 -9.41 1.00
C ILE A 79 -21.49 -9.17 0.05
N THR A 80 -22.71 -9.41 0.54
CA THR A 80 -23.91 -9.27 -0.30
C THR A 80 -24.98 -8.44 0.42
N PRO A 81 -24.70 -7.13 0.68
CA PRO A 81 -25.70 -6.29 1.33
C PRO A 81 -26.91 -6.11 0.44
N ALA A 82 -28.07 -5.89 1.06
CA ALA A 82 -29.30 -5.68 0.29
C ALA A 82 -29.18 -4.36 -0.51
N ALA A 83 -29.98 -4.18 -1.58
CA ALA A 83 -29.93 -2.95 -2.37
C ALA A 83 -30.22 -1.73 -1.51
N ALA A 84 -31.15 -1.85 -0.53
CA ALA A 84 -31.51 -0.74 0.35
C ALA A 84 -30.28 -0.29 1.14
N PHE A 85 -29.47 -1.25 1.62
CA PHE A 85 -28.24 -0.91 2.34
C PHE A 85 -27.21 -0.29 1.39
N GLN A 86 -27.00 -0.88 0.20
CA GLN A 86 -26.04 -0.32 -0.77
C GLN A 86 -26.34 1.13 -1.10
N ASP A 87 -27.66 1.46 -1.19
CA ASP A 87 -28.11 2.81 -1.49
CA ASP A 87 -28.07 2.81 -1.52
C ASP A 87 -27.73 3.83 -0.43
N LYS A 88 -27.41 3.38 0.80
CA LYS A 88 -27.03 4.29 1.89
C LYS A 88 -25.58 4.78 1.76
N LEU A 89 -24.73 4.06 0.97
CA LEU A 89 -23.33 4.44 0.79
C LEU A 89 -23.09 4.93 -0.63
N TYR A 90 -22.07 5.82 -0.81
CA TYR A 90 -21.80 6.35 -2.14
C TYR A 90 -21.31 5.30 -3.12
N PRO A 91 -21.83 5.35 -4.37
CA PRO A 91 -21.33 4.42 -5.40
C PRO A 91 -19.79 4.43 -5.53
N PHE A 92 -19.14 5.63 -5.45
CA PHE A 92 -17.67 5.72 -5.53
C PHE A 92 -17.01 4.84 -4.46
N THR A 93 -17.56 4.84 -3.23
CA THR A 93 -16.98 4.02 -2.16
C THR A 93 -17.19 2.54 -2.43
N TRP A 94 -18.33 2.14 -3.03
CA TRP A 94 -18.51 0.73 -3.40
C TRP A 94 -17.51 0.32 -4.52
N ASP A 95 -17.19 1.26 -5.43
CA ASP A 95 -16.22 1.01 -6.51
C ASP A 95 -14.86 0.65 -5.93
N ALA A 96 -14.49 1.27 -4.79
CA ALA A 96 -13.19 0.97 -4.17
C ALA A 96 -13.07 -0.47 -3.69
N VAL A 97 -14.19 -1.08 -3.28
CA VAL A 97 -14.21 -2.41 -2.67
C VAL A 97 -14.79 -3.50 -3.57
N ARG A 98 -14.92 -3.23 -4.88
CA ARG A 98 -15.42 -4.26 -5.79
C ARG A 98 -14.21 -4.85 -6.51
N TYR A 99 -14.11 -6.18 -6.53
CA TYR A 99 -12.97 -6.86 -7.12
C TYR A 99 -13.50 -8.02 -7.94
N ASN A 100 -13.20 -8.02 -9.24
CA ASN A 100 -13.71 -9.06 -10.15
C ASN A 100 -15.24 -9.17 -10.10
N GLY A 101 -15.89 -8.03 -9.99
CA GLY A 101 -17.35 -7.94 -9.98
C GLY A 101 -18.04 -8.23 -8.67
N LYS A 102 -17.28 -8.52 -7.60
CA LYS A 102 -17.88 -8.85 -6.32
C LYS A 102 -17.45 -7.86 -5.24
N LEU A 103 -18.34 -7.57 -4.27
CA LEU A 103 -17.99 -6.69 -3.17
C LEU A 103 -17.22 -7.51 -2.14
N ILE A 104 -16.01 -7.03 -1.76
CA ILE A 104 -15.15 -7.77 -0.83
CA ILE A 104 -15.23 -7.81 -0.80
C ILE A 104 -14.92 -7.06 0.50
N ALA A 105 -15.62 -5.95 0.77
CA ALA A 105 -15.45 -5.20 2.03
C ALA A 105 -16.54 -4.15 2.09
N TYR A 106 -16.78 -3.61 3.29
CA TYR A 106 -17.71 -2.50 3.47
C TYR A 106 -16.85 -1.24 3.50
N PRO A 107 -17.14 -0.24 2.65
CA PRO A 107 -16.38 1.01 2.71
C PRO A 107 -16.85 1.84 3.88
N ILE A 108 -15.91 2.55 4.50
CA ILE A 108 -16.19 3.36 5.68
C ILE A 108 -15.97 4.86 5.45
N ALA A 109 -14.81 5.26 4.89
CA ALA A 109 -14.52 6.68 4.75
C ALA A 109 -13.49 6.95 3.68
N VAL A 110 -13.54 8.12 3.08
CA VAL A 110 -12.63 8.51 2.03
C VAL A 110 -11.58 9.44 2.63
N GLU A 111 -10.32 9.06 2.43
CA GLU A 111 -9.17 9.79 2.96
C GLU A 111 -8.29 10.37 1.87
N ALA A 112 -7.72 11.54 2.13
CA ALA A 112 -6.73 12.15 1.28
C ALA A 112 -5.89 13.05 2.15
N LEU A 113 -4.61 13.14 1.81
CA LEU A 113 -3.70 14.03 2.55
C LEU A 113 -4.00 15.49 2.20
N SER A 114 -3.76 16.37 3.15
CA SER A 114 -3.91 17.82 2.93
C SER A 114 -2.67 18.50 3.55
N LEU A 115 -2.52 19.80 3.25
CA LEU A 115 -1.46 20.59 3.84
C LEU A 115 -2.07 21.15 5.14
N ILE A 116 -1.43 20.90 6.27
CA ILE A 116 -1.92 21.42 7.55
C ILE A 116 -0.91 22.50 7.93
N TYR A 117 -1.40 23.70 8.32
CA TYR A 117 -0.47 24.80 8.62
C TYR A 117 -0.83 25.52 9.90
N ASN A 118 0.18 26.14 10.53
CA ASN A 118 0.06 26.88 11.77
C ASN A 118 -0.28 28.31 11.36
N LYS A 119 -1.51 28.77 11.63
CA LYS A 119 -2.03 30.08 11.28
C LYS A 119 -1.27 31.24 11.94
N ASP A 120 -0.68 30.98 13.11
CA ASP A 120 0.08 32.02 13.82
C ASP A 120 1.44 32.23 13.20
N LEU A 121 2.15 31.13 12.87
CA LEU A 121 3.46 31.20 12.22
C LEU A 121 3.35 31.55 10.75
N LEU A 122 2.29 31.10 10.10
CA LEU A 122 2.13 31.26 8.67
C LEU A 122 0.66 31.52 8.31
N PRO A 123 0.19 32.78 8.45
CA PRO A 123 -1.22 33.06 8.10
C PRO A 123 -1.53 32.86 6.61
N ASN A 124 -0.51 32.96 5.74
CA ASN A 124 -0.69 32.77 4.30
C ASN A 124 0.21 31.64 3.81
N PRO A 125 -0.24 30.39 3.93
CA PRO A 125 0.61 29.26 3.48
C PRO A 125 0.98 29.31 2.01
N PRO A 126 2.15 28.75 1.63
CA PRO A 126 2.56 28.80 0.23
C PRO A 126 1.67 27.96 -0.68
N LYS A 127 1.45 28.46 -1.88
CA LYS A 127 0.67 27.75 -2.89
C LYS A 127 1.55 26.83 -3.75
N THR A 128 2.91 27.01 -3.74
CA THR A 128 3.79 26.17 -4.53
C THR A 128 4.84 25.51 -3.65
N TRP A 129 5.33 24.34 -4.08
CA TRP A 129 6.41 23.62 -3.40
C TRP A 129 7.70 24.45 -3.59
N GLU A 130 7.89 25.07 -4.77
CA GLU A 130 9.08 25.86 -5.11
C GLU A 130 9.40 27.01 -4.15
N GLU A 131 8.38 27.54 -3.48
CA GLU A 131 8.64 28.65 -2.55
C GLU A 131 8.93 28.18 -1.10
N ILE A 132 8.94 26.84 -0.86
CA ILE A 132 9.23 26.32 0.48
C ILE A 132 10.72 26.56 0.88
N PRO A 133 11.73 26.39 0.01
CA PRO A 133 13.12 26.67 0.44
C PRO A 133 13.31 28.09 0.99
N ALA A 134 12.77 29.12 0.30
CA ALA A 134 12.91 30.50 0.80
C ALA A 134 12.13 30.72 2.08
N LEU A 135 10.95 30.11 2.22
CA LEU A 135 10.13 30.24 3.43
C LEU A 135 10.84 29.56 4.62
N ASP A 136 11.49 28.42 4.36
CA ASP A 136 12.23 27.71 5.40
C ASP A 136 13.40 28.58 5.86
N LYS A 137 14.08 29.26 4.93
CA LYS A 137 15.20 30.14 5.30
C LYS A 137 14.72 31.26 6.24
N GLU A 138 13.56 31.88 5.94
CA GLU A 138 13.02 32.93 6.80
C GLU A 138 12.62 32.36 8.16
N LEU A 139 11.99 31.17 8.20
CA LEU A 139 11.56 30.59 9.47
C LEU A 139 12.74 30.10 10.32
N LYS A 140 13.82 29.63 9.67
CA LYS A 140 15.01 29.14 10.36
C LYS A 140 15.65 30.29 11.14
N ALA A 141 15.61 31.51 10.58
CA ALA A 141 16.15 32.71 11.25
C ALA A 141 15.40 33.02 12.57
N LYS A 142 14.18 32.48 12.74
CA LYS A 142 13.36 32.61 13.95
C LYS A 142 13.34 31.31 14.80
N GLY A 143 14.20 30.35 14.49
CA GLY A 143 14.26 29.10 15.23
C GLY A 143 13.16 28.09 14.90
N LYS A 144 12.50 28.26 13.76
CA LYS A 144 11.41 27.37 13.33
C LYS A 144 11.77 26.76 11.96
N SER A 145 10.92 25.84 11.44
CA SER A 145 11.14 25.30 10.09
C SER A 145 9.83 25.42 9.30
N ALA A 146 9.91 25.35 7.97
CA ALA A 146 8.71 25.49 7.15
C ALA A 146 7.83 24.23 7.11
N LEU A 147 8.45 23.04 6.94
CA LEU A 147 7.66 21.83 6.74
C LEU A 147 8.32 20.57 7.24
N MET A 148 7.53 19.73 7.91
CA MET A 148 7.98 18.44 8.39
C MET A 148 6.83 17.47 8.18
N PHE A 149 7.13 16.35 7.53
CA PHE A 149 6.15 15.30 7.27
C PHE A 149 6.85 13.94 7.19
N ASN A 150 6.08 12.86 7.32
CA ASN A 150 6.64 11.51 7.31
C ASN A 150 7.35 11.15 6.02
N LEU A 151 8.68 10.97 6.08
CA LEU A 151 9.44 10.59 4.89
C LEU A 151 9.72 9.08 4.81
N GLN A 152 9.18 8.29 5.73
CA GLN A 152 9.41 6.85 5.73
C GLN A 152 8.36 6.07 4.98
N GLU A 153 7.18 6.67 4.73
CA GLU A 153 6.08 5.99 4.03
C GLU A 153 5.83 6.72 2.70
N PRO A 154 5.87 5.98 1.58
CA PRO A 154 5.73 6.61 0.25
C PRO A 154 4.39 7.29 0.03
N TYR A 155 3.37 6.93 0.83
CA TYR A 155 2.06 7.54 0.77
C TYR A 155 2.16 9.08 0.91
N PHE A 156 3.09 9.55 1.76
CA PHE A 156 3.22 11.00 2.00
C PHE A 156 3.99 11.76 0.94
N THR A 157 4.93 11.10 0.25
N THR A 157 4.92 11.10 0.26
CA THR A 157 5.71 11.75 -0.81
CA THR A 157 5.70 11.75 -0.79
C THR A 157 5.09 11.56 -2.20
C THR A 157 5.04 11.61 -2.17
N TRP A 158 4.19 10.58 -2.35
CA TRP A 158 3.52 10.34 -3.61
C TRP A 158 2.81 11.57 -4.19
N PRO A 159 2.14 12.44 -3.41
CA PRO A 159 1.45 13.60 -4.04
C PRO A 159 2.39 14.47 -4.86
N LEU A 160 3.64 14.62 -4.40
CA LEU A 160 4.69 15.39 -5.08
C LEU A 160 5.28 14.63 -6.28
N ILE A 161 5.54 13.31 -6.12
CA ILE A 161 6.07 12.50 -7.23
C ILE A 161 5.04 12.44 -8.37
N ALA A 162 3.75 12.37 -8.05
CA ALA A 162 2.70 12.29 -9.06
C ALA A 162 2.38 13.63 -9.73
N ALA A 163 2.63 14.75 -9.03
CA ALA A 163 2.27 16.09 -9.54
C ALA A 163 2.66 16.39 -11.01
N ASP A 164 3.92 16.16 -11.39
CA ASP A 164 4.43 16.44 -12.74
C ASP A 164 4.36 15.24 -13.69
N GLY A 165 3.70 14.14 -13.29
CA GLY A 165 3.56 13.01 -14.20
C GLY A 165 3.75 11.59 -13.69
N GLY A 166 4.21 11.43 -12.44
CA GLY A 166 4.37 10.08 -11.92
C GLY A 166 3.02 9.38 -11.77
N TYR A 167 2.99 8.05 -11.98
CA TYR A 167 1.77 7.28 -11.82
C TYR A 167 2.08 5.84 -11.43
N ALA A 168 1.11 5.14 -10.85
CA ALA A 168 1.33 3.75 -10.47
C ALA A 168 1.05 2.85 -11.69
N PHE A 169 -0.23 2.63 -12.08
CA PHE A 169 -0.58 1.82 -13.20
C PHE A 169 -1.47 2.65 -14.08
N LYS A 170 -1.16 2.66 -15.40
CA LYS A 170 -1.94 3.43 -16.36
C LYS A 170 -3.39 2.95 -16.38
N TYR A 171 -4.29 3.92 -16.37
CA TYR A 171 -5.71 3.64 -16.36
C TYR A 171 -6.36 4.09 -17.66
N ALA A 172 -7.27 3.28 -18.16
CA ALA A 172 -8.03 3.60 -19.37
C ALA A 172 -9.32 2.80 -19.32
N ALA A 173 -10.47 3.51 -19.32
CA ALA A 173 -11.81 2.92 -19.33
C ALA A 173 -12.00 1.74 -18.37
N GLY A 174 -12.05 2.05 -17.08
CA GLY A 174 -12.26 1.09 -16.00
C GLY A 174 -11.26 -0.03 -15.81
N LYS A 175 -10.06 0.04 -16.44
CA LYS A 175 -9.06 -1.04 -16.31
CA LYS A 175 -9.06 -1.03 -16.30
C LYS A 175 -7.64 -0.50 -16.11
N TYR A 176 -6.80 -1.23 -15.32
CA TYR A 176 -5.40 -0.83 -15.07
C TYR A 176 -4.47 -1.75 -15.83
N ASP A 177 -3.48 -1.16 -16.51
CA ASP A 177 -2.48 -1.94 -17.25
C ASP A 177 -1.32 -2.20 -16.29
N ILE A 178 -1.19 -3.42 -15.76
CA ILE A 178 -0.12 -3.73 -14.79
C ILE A 178 1.28 -3.76 -15.39
N LYS A 179 1.40 -3.69 -16.72
CA LYS A 179 2.70 -3.64 -17.42
C LYS A 179 3.15 -2.17 -17.63
N ASP A 180 2.25 -1.20 -17.48
CA ASP A 180 2.54 0.21 -17.69
C ASP A 180 2.62 0.94 -16.37
N VAL A 181 3.81 1.02 -15.82
CA VAL A 181 4.11 1.66 -14.54
C VAL A 181 4.81 3.00 -14.78
N GLY A 182 4.47 4.04 -14.00
CA GLY A 182 5.06 5.36 -14.24
C GLY A 182 5.87 5.90 -13.09
N VAL A 183 6.75 5.06 -12.56
CA VAL A 183 7.60 5.41 -11.42
CA VAL A 183 7.56 5.54 -11.42
C VAL A 183 8.93 6.07 -11.84
N ASP A 184 9.39 5.80 -13.08
CA ASP A 184 10.68 6.36 -13.49
C ASP A 184 10.58 7.33 -14.67
N ASN A 185 9.38 7.94 -14.86
CA ASN A 185 9.25 8.91 -15.95
C ASN A 185 9.80 10.27 -15.52
N ALA A 186 9.86 11.24 -16.47
CA ALA A 186 10.37 12.57 -16.19
C ALA A 186 9.68 13.26 -15.02
N GLY A 187 8.35 13.13 -14.93
CA GLY A 187 7.59 13.75 -13.85
C GLY A 187 7.92 13.17 -12.48
N ALA A 188 8.04 11.84 -12.41
CA ALA A 188 8.37 11.17 -11.14
C ALA A 188 9.77 11.58 -10.71
N LYS A 189 10.72 11.64 -11.65
CA LYS A 189 12.10 12.06 -11.36
C LYS A 189 12.13 13.48 -10.88
N ALA A 190 11.36 14.38 -11.52
CA ALA A 190 11.34 15.78 -11.11
C ALA A 190 10.83 15.94 -9.69
N GLY A 191 9.75 15.24 -9.34
CA GLY A 191 9.19 15.34 -8.01
C GLY A 191 10.13 14.81 -6.93
N LEU A 192 10.69 13.63 -7.18
CA LEU A 192 11.61 13.04 -6.20
C LEU A 192 12.90 13.86 -6.10
N THR A 193 13.39 14.43 -7.22
CA THR A 193 14.60 15.28 -7.16
C THR A 193 14.33 16.52 -6.31
N PHE A 194 13.10 17.09 -6.39
CA PHE A 194 12.77 18.26 -5.58
C PHE A 194 12.82 17.90 -4.10
N LEU A 195 12.22 16.75 -3.73
CA LEU A 195 12.24 16.26 -2.35
C LEU A 195 13.69 16.06 -1.87
N VAL A 196 14.51 15.37 -2.66
CA VAL A 196 15.92 15.10 -2.30
C VAL A 196 16.69 16.43 -2.16
N ASP A 197 16.42 17.41 -3.06
CA ASP A 197 17.06 18.73 -2.97
C ASP A 197 16.66 19.46 -1.69
N LEU A 198 15.41 19.28 -1.21
CA LEU A 198 14.99 19.90 0.05
C LEU A 198 15.83 19.33 1.21
N ILE A 199 16.15 18.03 1.16
CA ILE A 199 16.95 17.36 2.18
C ILE A 199 18.41 17.78 2.06
N LYS A 200 18.97 17.81 0.84
CA LYS A 200 20.37 18.24 0.63
C LYS A 200 20.58 19.66 1.14
N ASN A 201 19.59 20.53 0.93
CA ASN A 201 19.69 21.92 1.38
C ASN A 201 19.27 22.14 2.84
N LYS A 202 19.03 21.07 3.60
CA LYS A 202 18.68 21.06 5.01
C LYS A 202 17.35 21.75 5.33
N HIS A 203 16.41 21.71 4.36
CA HIS A 203 15.06 22.20 4.60
C HIS A 203 14.20 21.07 5.26
N MET A 204 14.62 19.80 5.08
CA MET A 204 14.02 18.61 5.67
C MET A 204 15.12 17.59 6.01
N ASN A 205 14.80 16.68 6.92
CA ASN A 205 15.72 15.64 7.36
CA ASN A 205 15.72 15.63 7.36
C ASN A 205 15.20 14.29 6.86
N ALA A 206 16.06 13.47 6.26
CA ALA A 206 15.67 12.16 5.74
C ALA A 206 15.11 11.19 6.78
N ASP A 207 15.47 11.37 8.07
CA ASP A 207 14.98 10.44 9.09
CA ASP A 207 15.03 10.51 9.16
C ASP A 207 13.65 10.87 9.73
N THR A 208 13.05 11.99 9.26
CA THR A 208 11.76 12.42 9.80
C THR A 208 10.71 11.35 9.54
N ASP A 209 10.03 10.96 10.60
CA ASP A 209 9.00 9.94 10.50
C ASP A 209 7.67 10.49 10.99
N TYR A 210 6.65 9.64 11.11
CA TYR A 210 5.33 10.08 11.54
C TYR A 210 5.35 10.80 12.91
N SER A 211 5.90 10.14 13.92
CA SER A 211 5.99 10.66 15.28
CA SER A 211 5.96 10.69 15.27
C SER A 211 6.76 11.98 15.35
N ILE A 212 7.93 12.04 14.71
CA ILE A 212 8.76 13.25 14.72
C ILE A 212 8.03 14.44 14.12
N ALA A 213 7.40 14.24 12.93
CA ALA A 213 6.68 15.34 12.28
C ALA A 213 5.48 15.78 13.09
N GLU A 214 4.73 14.82 13.66
CA GLU A 214 3.54 15.16 14.44
C GLU A 214 3.95 15.92 15.70
N HIS A 215 5.02 15.49 16.36
CA HIS A 215 5.47 16.17 17.60
C HIS A 215 5.92 17.59 17.29
N ALA A 216 6.70 17.78 16.20
CA ALA A 216 7.18 19.10 15.84
C ALA A 216 6.04 20.05 15.48
N PHE A 217 5.05 19.57 14.69
CA PHE A 217 3.93 20.43 14.33
C PHE A 217 3.07 20.77 15.54
N ASN A 218 2.71 19.75 16.33
CA ASN A 218 1.84 19.95 17.48
C ASN A 218 2.49 20.74 18.62
N HIS A 219 3.81 20.93 18.57
CA HIS A 219 4.52 21.75 19.56
C HIS A 219 4.93 23.13 19.02
N GLY A 220 4.45 23.50 17.82
CA GLY A 220 4.72 24.78 17.20
C GLY A 220 6.13 25.00 16.70
N GLU A 221 6.85 23.93 16.41
CA GLU A 221 8.24 24.04 15.92
C GLU A 221 8.33 24.14 14.39
N THR A 222 7.33 23.60 13.66
CA THR A 222 7.31 23.65 12.21
C THR A 222 5.99 24.32 11.78
N ALA A 223 6.03 25.11 10.71
CA ALA A 223 4.86 25.85 10.26
C ALA A 223 3.84 25.00 9.50
N MET A 224 4.28 23.87 8.95
CA MET A 224 3.39 23.03 8.15
C MET A 224 3.71 21.55 8.29
N THR A 225 2.70 20.71 8.03
CA THR A 225 2.86 19.27 7.98
C THR A 225 1.93 18.76 6.86
N ILE A 226 2.10 17.49 6.48
CA ILE A 226 1.25 16.87 5.46
C ILE A 226 0.69 15.65 6.17
N ASN A 227 -0.64 15.60 6.31
CA ASN A 227 -1.26 14.50 7.01
C ASN A 227 -2.72 14.36 6.63
N GLY A 228 -3.32 13.30 7.13
CA GLY A 228 -4.72 12.98 6.85
C GLY A 228 -5.65 13.40 7.97
N PRO A 229 -6.94 13.17 7.75
CA PRO A 229 -7.94 13.57 8.77
C PRO A 229 -7.72 13.00 10.16
N TRP A 230 -7.22 11.77 10.27
CA TRP A 230 -6.99 11.10 11.55
C TRP A 230 -6.09 11.92 12.47
N ALA A 231 -5.22 12.77 11.91
CA ALA A 231 -4.27 13.57 12.67
C ALA A 231 -4.87 14.82 13.32
N TRP A 232 -6.07 15.25 12.92
CA TRP A 232 -6.63 16.51 13.43
C TRP A 232 -6.94 16.56 14.93
N SER A 233 -7.42 15.45 15.51
CA SER A 233 -7.78 15.47 16.94
C SER A 233 -6.59 15.69 17.85
N ASN A 234 -5.38 15.17 17.52
CA ASN A 234 -4.19 15.43 18.35
C ASN A 234 -3.78 16.91 18.21
N ILE A 235 -4.04 17.53 17.03
CA ILE A 235 -3.73 18.95 16.85
C ILE A 235 -4.73 19.79 17.66
N ASP A 236 -6.03 19.37 17.70
CA ASP A 236 -7.07 20.06 18.50
C ASP A 236 -6.64 20.13 19.97
N THR A 237 -6.09 19.02 20.50
CA THR A 237 -5.64 18.92 21.90
C THR A 237 -4.41 19.80 22.16
N SER A 238 -3.54 19.96 21.15
CA SER A 238 -2.32 20.75 21.25
C SER A 238 -2.53 22.27 21.38
N ALA A 239 -3.73 22.76 21.03
CA ALA A 239 -4.06 24.20 21.05
C ALA A 239 -3.31 25.02 19.96
N VAL A 240 -2.67 24.34 18.98
CA VAL A 240 -2.03 25.05 17.86
C VAL A 240 -3.22 25.58 17.02
N ASN A 241 -3.14 26.82 16.51
CA ASN A 241 -4.22 27.36 15.69
C ASN A 241 -3.92 26.90 14.28
N TYR A 242 -4.56 25.81 13.83
CA TYR A 242 -4.26 25.26 12.52
C TYR A 242 -5.36 25.40 11.48
N GLY A 243 -4.94 25.33 10.22
CA GLY A 243 -5.79 25.33 9.05
C GLY A 243 -5.46 24.09 8.22
N VAL A 244 -6.44 23.61 7.44
CA VAL A 244 -6.29 22.44 6.57
C VAL A 244 -6.57 22.99 5.20
N THR A 245 -5.62 22.86 4.27
CA THR A 245 -5.79 23.46 2.95
C THR A 245 -5.24 22.59 1.79
N VAL A 246 -5.33 23.11 0.57
CA VAL A 246 -4.86 22.46 -0.65
CA VAL A 246 -4.86 22.41 -0.62
C VAL A 246 -3.33 22.28 -0.57
N LEU A 247 -2.82 21.13 -1.03
CA LEU A 247 -1.38 20.89 -1.04
C LEU A 247 -0.75 21.85 -2.06
N PRO A 248 0.54 22.16 -1.89
CA PRO A 248 1.19 23.07 -2.83
C PRO A 248 1.33 22.46 -4.22
N THR A 249 1.37 23.31 -5.25
CA THR A 249 1.56 22.84 -6.61
C THR A 249 3.06 22.60 -6.88
N PHE A 250 3.37 21.82 -7.89
CA PHE A 250 4.75 21.54 -8.28
C PHE A 250 4.78 21.70 -9.78
N LYS A 251 5.66 22.60 -10.28
CA LYS A 251 5.76 22.92 -11.70
C LYS A 251 4.40 23.40 -12.27
N GLY A 252 3.67 24.12 -11.44
CA GLY A 252 2.35 24.68 -11.74
C GLY A 252 1.23 23.67 -11.76
N GLN A 253 1.51 22.41 -11.39
CA GLN A 253 0.51 21.34 -11.39
CA GLN A 253 0.49 21.37 -11.38
C GLN A 253 0.11 20.99 -9.97
N PRO A 254 -1.15 20.62 -9.74
CA PRO A 254 -1.54 20.24 -8.37
C PRO A 254 -0.78 19.01 -7.88
N SER A 255 -0.59 18.91 -6.56
CA SER A 255 -0.03 17.68 -5.98
C SER A 255 -1.22 16.66 -6.09
N LYS A 256 -0.92 15.39 -6.33
CA LYS A 256 -1.98 14.40 -6.56
C LYS A 256 -1.94 13.27 -5.54
N PRO A 257 -2.58 13.48 -4.40
CA PRO A 257 -2.54 12.45 -3.37
C PRO A 257 -3.35 11.23 -3.78
N PHE A 258 -2.88 10.05 -3.38
CA PHE A 258 -3.61 8.82 -3.68
C PHE A 258 -4.78 8.80 -2.68
N VAL A 259 -5.98 8.56 -3.17
CA VAL A 259 -7.18 8.54 -2.35
C VAL A 259 -7.46 7.14 -1.83
N GLY A 260 -7.54 7.02 -0.50
CA GLY A 260 -7.78 5.73 0.11
C GLY A 260 -9.18 5.67 0.68
N VAL A 261 -9.80 4.50 0.60
CA VAL A 261 -11.11 4.32 1.19
C VAL A 261 -10.91 3.34 2.31
N LEU A 262 -11.00 3.81 3.57
CA LEU A 262 -10.90 2.94 4.73
C LEU A 262 -12.04 1.92 4.63
N SER A 263 -11.72 0.64 4.65
CA SER A 263 -12.71 -0.40 4.43
C SER A 263 -12.61 -1.51 5.45
N ALA A 264 -13.70 -2.23 5.64
CA ALA A 264 -13.74 -3.31 6.63
C ALA A 264 -14.07 -4.62 5.92
N GLY A 265 -13.10 -5.52 5.88
CA GLY A 265 -13.28 -6.82 5.25
C GLY A 265 -13.60 -7.89 6.28
N ILE A 266 -14.38 -8.90 5.89
CA ILE A 266 -14.72 -10.00 6.76
C ILE A 266 -13.86 -11.19 6.37
N ASN A 267 -13.12 -11.74 7.35
CA ASN A 267 -12.25 -12.89 7.12
C ASN A 267 -13.04 -14.09 6.56
N ALA A 268 -12.62 -14.66 5.42
CA ALA A 268 -13.31 -15.80 4.81
C ALA A 268 -13.38 -17.03 5.75
N ALA A 269 -12.42 -17.15 6.65
CA ALA A 269 -12.39 -18.25 7.60
C ALA A 269 -13.15 -17.96 8.90
N SER A 270 -13.69 -16.75 9.09
CA SER A 270 -14.40 -16.41 10.32
C SER A 270 -15.71 -17.20 10.46
N PRO A 271 -15.93 -17.80 11.64
CA PRO A 271 -17.24 -18.45 11.89
C PRO A 271 -18.27 -17.39 12.35
N ASN A 272 -17.93 -16.08 12.35
CA ASN A 272 -18.79 -15.01 12.84
C ASN A 272 -19.17 -14.00 11.77
N LYS A 273 -19.28 -14.45 10.50
CA LYS A 273 -19.60 -13.54 9.41
C LYS A 273 -20.93 -12.81 9.62
N GLU A 274 -21.96 -13.52 10.07
CA GLU A 274 -23.27 -12.90 10.29
C GLU A 274 -23.19 -11.83 11.41
N LEU A 275 -22.47 -12.11 12.51
CA LEU A 275 -22.30 -11.12 13.60
C LEU A 275 -21.54 -9.91 13.03
N ALA A 276 -20.51 -10.16 12.19
CA ALA A 276 -19.72 -9.07 11.61
C ALA A 276 -20.58 -8.21 10.72
N LYS A 277 -21.44 -8.84 9.91
CA LYS A 277 -22.34 -8.11 9.03
C LYS A 277 -23.30 -7.23 9.85
N GLU A 278 -23.88 -7.79 10.94
CA GLU A 278 -24.81 -7.00 11.75
CA GLU A 278 -24.80 -7.04 11.78
C GLU A 278 -24.08 -5.84 12.40
N PHE A 279 -22.89 -6.08 12.94
CA PHE A 279 -22.10 -5.03 13.55
C PHE A 279 -21.76 -3.93 12.53
N LEU A 280 -21.25 -4.32 11.36
CA LEU A 280 -20.85 -3.31 10.36
C LEU A 280 -22.01 -2.54 9.77
N GLU A 281 -23.05 -3.24 9.34
CA GLU A 281 -24.19 -2.58 8.70
C GLU A 281 -25.05 -1.80 9.67
N ASN A 282 -25.39 -2.41 10.81
CA ASN A 282 -26.39 -1.81 11.69
C ASN A 282 -25.86 -1.07 12.90
N TYR A 283 -24.55 -1.14 13.17
CA TYR A 283 -23.99 -0.42 14.31
C TYR A 283 -22.95 0.59 13.83
N LEU A 284 -21.89 0.13 13.13
CA LEU A 284 -20.86 1.06 12.68
C LEU A 284 -21.32 2.01 11.57
N LEU A 285 -21.90 1.45 10.49
CA LEU A 285 -22.31 2.28 9.36
C LEU A 285 -23.68 2.96 9.56
N THR A 286 -23.77 3.69 10.65
CA THR A 286 -24.92 4.50 11.06
C THR A 286 -24.33 5.87 11.39
N ASP A 287 -25.20 6.90 11.40
CA ASP A 287 -24.70 8.26 11.69
C ASP A 287 -24.06 8.33 13.09
N GLU A 288 -24.66 7.64 14.06
CA GLU A 288 -24.16 7.59 15.45
C GLU A 288 -22.88 6.78 15.58
N GLY A 289 -22.83 5.64 14.89
CA GLY A 289 -21.64 4.79 14.92
C GLY A 289 -20.43 5.49 14.32
N LEU A 290 -20.60 6.10 13.13
CA LEU A 290 -19.49 6.81 12.49
C LEU A 290 -19.08 8.05 13.31
N GLU A 291 -20.05 8.74 13.92
CA GLU A 291 -19.74 9.90 14.76
C GLU A 291 -18.87 9.48 15.97
N ALA A 292 -19.13 8.31 16.56
CA ALA A 292 -18.34 7.84 17.70
C ALA A 292 -16.87 7.67 17.28
N VAL A 293 -16.64 7.09 16.07
CA VAL A 293 -15.28 6.92 15.59
C VAL A 293 -14.65 8.28 15.25
N ASN A 294 -15.38 9.12 14.52
CA ASN A 294 -14.96 10.45 14.05
C ASN A 294 -14.54 11.34 15.23
N LYS A 295 -15.29 11.25 16.35
CA LYS A 295 -14.99 12.04 17.56
C LYS A 295 -13.65 11.65 18.17
N ASP A 296 -13.25 10.38 18.00
CA ASP A 296 -11.97 9.92 18.50
C ASP A 296 -10.87 10.42 17.54
N LYS A 297 -10.89 9.97 16.26
CA LYS A 297 -9.93 10.43 15.25
C LYS A 297 -10.76 10.66 13.97
N PRO A 298 -10.78 11.87 13.38
CA PRO A 298 -11.62 12.08 12.20
C PRO A 298 -11.39 11.11 11.06
N LEU A 299 -12.48 10.71 10.44
CA LEU A 299 -12.44 9.74 9.35
C LEU A 299 -12.18 10.34 7.98
N GLY A 300 -12.55 11.60 7.79
CA GLY A 300 -12.48 12.28 6.50
C GLY A 300 -13.90 12.42 5.94
N ALA A 301 -14.11 12.07 4.65
CA ALA A 301 -15.44 12.12 4.00
C ALA A 301 -16.06 10.71 4.11
N VAL A 302 -17.03 10.50 5.00
CA VAL A 302 -17.57 9.17 5.22
C VAL A 302 -18.36 8.62 4.02
N ALA A 303 -18.41 7.29 3.92
CA ALA A 303 -19.12 6.62 2.83
C ALA A 303 -20.66 6.71 3.00
N LEU A 304 -21.14 6.91 4.24
CA LEU A 304 -22.57 6.98 4.54
C LEU A 304 -23.09 8.36 4.15
N LYS A 305 -23.94 8.41 3.13
CA LYS A 305 -24.47 9.65 2.57
C LYS A 305 -25.09 10.58 3.62
N SER A 306 -25.95 10.03 4.49
CA SER A 306 -26.64 10.85 5.49
C SER A 306 -25.69 11.61 6.40
N TYR A 307 -24.62 10.95 6.85
CA TYR A 307 -23.65 11.58 7.74
C TYR A 307 -22.70 12.48 6.96
N GLU A 308 -22.30 12.05 5.73
CA GLU A 308 -21.42 12.89 4.94
C GLU A 308 -22.05 14.25 4.60
N GLU A 309 -23.38 14.27 4.38
CA GLU A 309 -24.07 15.55 4.10
C GLU A 309 -23.87 16.57 5.23
N GLU A 310 -23.65 16.10 6.46
CA GLU A 310 -23.35 16.98 7.59
C GLU A 310 -21.84 17.24 7.65
N LEU A 311 -21.01 16.16 7.64
CA LEU A 311 -19.55 16.30 7.72
C LEU A 311 -18.93 17.19 6.68
N VAL A 312 -19.46 17.19 5.45
CA VAL A 312 -18.93 18.02 4.38
C VAL A 312 -18.98 19.53 4.72
N LYS A 313 -19.81 19.93 5.70
CA LYS A 313 -19.85 21.33 6.14
C LYS A 313 -18.60 21.73 6.95
N ASP A 314 -17.83 20.74 7.47
CA ASP A 314 -16.59 20.98 8.20
C ASP A 314 -15.58 21.43 7.12
N PRO A 315 -15.01 22.64 7.23
CA PRO A 315 -14.06 23.10 6.19
C PRO A 315 -12.86 22.16 6.03
N ARG A 316 -12.47 21.45 7.08
CA ARG A 316 -11.34 20.51 7.00
C ARG A 316 -11.71 19.31 6.10
N VAL A 317 -12.98 18.88 6.16
CA VAL A 317 -13.48 17.76 5.33
C VAL A 317 -13.63 18.25 3.88
N ALA A 318 -14.08 19.52 3.68
CA ALA A 318 -14.18 20.08 2.34
C ALA A 318 -12.75 20.18 1.73
N ALA A 319 -11.74 20.55 2.55
CA ALA A 319 -10.36 20.64 2.07
C ALA A 319 -9.84 19.24 1.72
N THR A 320 -10.25 18.21 2.49
CA THR A 320 -9.88 16.80 2.23
C THR A 320 -10.41 16.41 0.86
N MET A 321 -11.69 16.73 0.56
CA MET A 321 -12.26 16.42 -0.76
C MET A 321 -11.62 17.21 -1.89
N GLU A 322 -11.22 18.46 -1.62
CA GLU A 322 -10.57 19.28 -2.65
C GLU A 322 -9.23 18.64 -3.06
N ASN A 323 -8.47 18.17 -2.06
CA ASN A 323 -7.21 17.47 -2.34
C ASN A 323 -7.49 16.11 -3.01
N ALA A 324 -8.52 15.41 -2.55
CA ALA A 324 -8.89 14.10 -3.13
C ALA A 324 -9.22 14.24 -4.62
N GLN A 325 -9.95 15.31 -4.96
CA GLN A 325 -10.33 15.56 -6.36
C GLN A 325 -9.14 15.91 -7.25
N LYS A 326 -8.05 16.44 -6.64
CA LYS A 326 -6.84 16.73 -7.40
C LYS A 326 -5.98 15.44 -7.62
N GLY A 327 -6.24 14.40 -6.83
CA GLY A 327 -5.55 13.14 -6.97
C GLY A 327 -6.48 12.09 -7.56
N GLU A 328 -6.20 10.80 -7.29
CA GLU A 328 -7.09 9.75 -7.80
C GLU A 328 -7.14 8.59 -6.87
N ILE A 329 -8.19 7.76 -7.01
CA ILE A 329 -8.36 6.61 -6.17
C ILE A 329 -7.22 5.64 -6.38
N MET A 330 -6.77 5.01 -5.29
CA MET A 330 -5.75 3.97 -5.46
C MET A 330 -6.43 2.77 -6.12
N PRO A 331 -5.73 2.05 -6.99
CA PRO A 331 -6.28 0.76 -7.47
C PRO A 331 -6.38 -0.19 -6.24
N ASN A 332 -7.30 -1.17 -6.29
CA ASN A 332 -7.36 -2.18 -5.23
C ASN A 332 -6.69 -3.49 -5.69
N ILE A 333 -6.09 -3.50 -6.90
CA ILE A 333 -5.53 -4.67 -7.53
C ILE A 333 -4.40 -5.29 -6.71
N PRO A 334 -4.23 -6.63 -6.83
CA PRO A 334 -3.19 -7.32 -6.05
C PRO A 334 -1.78 -6.73 -6.20
N GLN A 335 -1.52 -6.13 -7.37
CA GLN A 335 -0.23 -5.55 -7.72
C GLN A 335 0.17 -4.29 -6.92
N MET A 336 -0.77 -3.70 -6.16
CA MET A 336 -0.46 -2.50 -5.38
C MET A 336 0.61 -2.68 -4.34
N SER A 337 0.66 -3.85 -3.65
CA SER A 337 1.69 -4.02 -2.62
CA SER A 337 1.68 -4.06 -2.63
CA SER A 337 1.67 -4.09 -2.62
C SER A 337 3.09 -3.92 -3.20
N ALA A 338 3.34 -4.54 -4.38
CA ALA A 338 4.68 -4.45 -5.00
C ALA A 338 5.03 -3.02 -5.36
N PHE A 339 4.05 -2.28 -5.86
CA PHE A 339 4.24 -0.88 -6.22
C PHE A 339 4.68 -0.08 -4.95
N TRP A 340 3.93 -0.24 -3.82
CA TRP A 340 4.27 0.52 -2.63
C TRP A 340 5.62 0.15 -2.09
N TYR A 341 5.94 -1.17 -2.06
CA TYR A 341 7.26 -1.59 -1.53
C TYR A 341 8.39 -0.97 -2.38
N ALA A 342 8.21 -0.96 -3.72
CA ALA A 342 9.25 -0.40 -4.60
C ALA A 342 9.45 1.10 -4.40
N VAL A 343 8.33 1.85 -4.29
CA VAL A 343 8.42 3.29 -4.11
C VAL A 343 8.97 3.61 -2.71
N ARG A 344 8.62 2.80 -1.68
CA ARG A 344 9.14 3.06 -0.32
C ARG A 344 10.69 2.98 -0.38
N THR A 345 11.19 1.93 -1.04
CA THR A 345 12.64 1.70 -1.15
C THR A 345 13.33 2.83 -1.90
N ALA A 346 12.73 3.29 -3.01
CA ALA A 346 13.31 4.38 -3.81
C ALA A 346 13.38 5.66 -3.01
N VAL A 347 12.30 6.03 -2.29
CA VAL A 347 12.32 7.27 -1.53
C VAL A 347 13.35 7.21 -0.39
N ILE A 348 13.38 6.12 0.38
CA ILE A 348 14.32 5.99 1.50
C ILE A 348 15.78 6.04 1.00
N ASN A 349 16.06 5.34 -0.09
CA ASN A 349 17.44 5.31 -0.64
C ASN A 349 17.84 6.65 -1.26
N ALA A 350 16.92 7.31 -1.96
CA ALA A 350 17.25 8.60 -2.56
C ALA A 350 17.43 9.65 -1.47
N ALA A 351 16.54 9.66 -0.47
CA ALA A 351 16.60 10.66 0.61
C ALA A 351 17.87 10.53 1.47
N SER A 352 18.33 9.31 1.66
CA SER A 352 19.53 9.07 2.48
C SER A 352 20.84 9.27 1.70
N GLY A 353 20.77 9.36 0.38
CA GLY A 353 21.96 9.46 -0.47
C GLY A 353 22.54 8.09 -0.83
N ARG A 354 21.88 6.99 -0.41
CA ARG A 354 22.35 5.62 -0.73
C ARG A 354 22.29 5.34 -2.24
N GLN A 355 21.29 5.95 -2.93
CA GLN A 355 21.21 5.86 -4.37
C GLN A 355 20.88 7.25 -4.94
N THR A 356 21.25 7.52 -6.21
CA THR A 356 20.83 8.77 -6.85
C THR A 356 19.31 8.64 -7.14
N VAL A 357 18.61 9.74 -7.41
CA VAL A 357 17.19 9.67 -7.78
C VAL A 357 16.99 8.78 -9.02
N ASP A 358 17.83 8.96 -10.07
CA ASP A 358 17.73 8.17 -11.29
C ASP A 358 17.89 6.67 -11.04
N ALA A 359 18.92 6.27 -10.27
CA ALA A 359 19.12 4.84 -10.01
C ALA A 359 18.01 4.31 -9.08
N ALA A 360 17.56 5.12 -8.11
CA ALA A 360 16.52 4.68 -7.17
C ALA A 360 15.22 4.42 -7.94
N LEU A 361 14.85 5.33 -8.87
CA LEU A 361 13.60 5.14 -9.62
C LEU A 361 13.71 4.11 -10.72
N ALA A 362 14.91 3.86 -11.28
CA ALA A 362 15.06 2.82 -12.30
C ALA A 362 14.82 1.46 -11.63
N ALA A 363 15.38 1.26 -10.41
CA ALA A 363 15.18 0.02 -9.66
C ALA A 363 13.70 -0.08 -9.27
N ALA A 364 13.09 1.04 -8.83
CA ALA A 364 11.67 1.01 -8.43
C ALA A 364 10.79 0.67 -9.62
N GLN A 365 11.13 1.15 -10.81
CA GLN A 365 10.33 0.86 -12.02
C GLN A 365 10.31 -0.66 -12.29
N THR A 366 11.49 -1.28 -12.19
CA THR A 366 11.59 -2.72 -12.39
C THR A 366 10.83 -3.46 -11.27
N ASN A 367 11.10 -3.10 -10.01
CA ASN A 367 10.58 -3.79 -8.85
C ASN A 367 9.13 -3.51 -8.54
N ALA A 368 8.54 -2.42 -9.10
CA ALA A 368 7.11 -2.11 -8.94
C ALA A 368 6.24 -3.13 -9.68
N HIS A 369 6.83 -3.89 -10.63
CA HIS A 369 6.11 -4.92 -11.34
C HIS A 369 6.11 -6.10 -10.37
N ASP A 370 4.93 -6.52 -9.98
CA ASP A 370 4.68 -7.61 -9.06
C ASP A 370 5.38 -8.89 -9.51
N THR A 371 5.33 -9.17 -10.82
CA THR A 371 6.00 -10.36 -11.38
CA THR A 371 5.97 -10.35 -11.39
C THR A 371 6.89 -9.96 -12.54
N THR A 372 7.96 -10.71 -12.74
CA THR A 372 8.88 -10.46 -13.85
C THR A 372 8.90 -11.76 -14.66
N VAL A 373 8.72 -11.65 -15.98
CA VAL A 373 8.73 -12.84 -16.84
C VAL A 373 10.16 -13.25 -17.17
N PHE A 374 10.47 -14.54 -17.07
CA PHE A 374 11.74 -15.09 -17.50
C PHE A 374 11.30 -16.12 -18.52
N GLN A 375 11.67 -15.90 -19.78
CA GLN A 375 11.30 -16.80 -20.89
CA GLN A 375 11.28 -16.80 -20.87
C GLN A 375 12.45 -17.67 -21.31
N GLY A 376 12.16 -18.95 -21.49
CA GLY A 376 13.17 -19.89 -21.94
C GLY A 376 12.61 -20.76 -23.05
N VAL A 377 13.49 -21.45 -23.79
CA VAL A 377 13.03 -22.33 -24.87
C VAL A 377 12.99 -23.77 -24.34
N ALA A 378 11.91 -24.52 -24.62
CA ALA A 378 11.80 -25.92 -24.17
C ALA A 378 13.00 -26.74 -24.65
N GLY A 379 13.55 -27.54 -23.76
CA GLY A 379 14.71 -28.37 -24.02
C GLY A 379 16.02 -27.70 -23.68
N GLN A 380 16.01 -26.38 -23.41
CA GLN A 380 17.20 -25.64 -23.08
C GLN A 380 17.23 -25.28 -21.57
N SER A 381 18.28 -24.59 -21.13
CA SER A 381 18.45 -24.15 -19.76
C SER A 381 17.90 -22.73 -19.62
N LEU A 382 17.38 -22.40 -18.45
CA LEU A 382 16.89 -21.07 -18.20
C LEU A 382 17.53 -20.57 -16.92
N GLN A 383 18.16 -19.39 -16.96
CA GLN A 383 18.77 -18.81 -15.77
C GLN A 383 17.84 -17.70 -15.26
N VAL A 384 17.37 -17.83 -14.02
CA VAL A 384 16.49 -16.84 -13.41
C VAL A 384 17.35 -16.04 -12.46
N SER A 385 17.31 -14.70 -12.53
CA SER A 385 18.12 -13.87 -11.66
CA SER A 385 18.12 -13.87 -11.66
C SER A 385 17.24 -13.12 -10.67
N CYS A 386 17.68 -13.08 -9.41
CA CYS A 386 16.95 -12.37 -8.37
C CYS A 386 17.87 -11.46 -7.62
N PRO A 387 18.05 -10.22 -8.09
CA PRO A 387 18.88 -9.26 -7.34
C PRO A 387 18.22 -8.92 -6.01
N TYR A 388 19.06 -8.62 -5.02
CA TYR A 388 18.57 -8.23 -3.71
C TYR A 388 19.57 -7.31 -3.02
N ASP A 389 19.11 -6.65 -1.96
CA ASP A 389 19.91 -5.72 -1.18
C ASP A 389 20.84 -6.56 -0.30
N SER A 390 22.13 -6.66 -0.66
CA SER A 390 23.08 -7.47 0.09
CA SER A 390 23.07 -7.50 0.09
C SER A 390 23.17 -7.12 1.58
N MET A 391 23.11 -5.83 1.90
CA MET A 391 23.18 -5.39 3.30
C MET A 391 21.91 -5.81 4.04
N LYS A 392 20.74 -5.54 3.45
CA LYS A 392 19.48 -5.87 4.10
C LYS A 392 19.34 -7.36 4.40
N HIS A 393 19.74 -8.20 3.46
CA HIS A 393 19.58 -9.65 3.61
C HIS A 393 20.84 -10.38 4.06
N TRP A 394 21.82 -9.63 4.58
CA TRP A 394 23.07 -10.24 5.03
C TRP A 394 22.84 -11.38 6.05
N GLY A 395 23.48 -12.51 5.77
CA GLY A 395 23.43 -13.69 6.64
C GLY A 395 22.24 -14.60 6.46
N ARG A 396 21.29 -14.22 5.59
CA ARG A 396 20.11 -15.06 5.41
C ARG A 396 20.27 -16.10 4.34
N ARG A 397 19.72 -17.31 4.59
CA ARG A 397 19.67 -18.39 3.61
C ARG A 397 18.55 -17.99 2.63
N LYS A 398 18.58 -18.57 1.43
CA LYS A 398 17.57 -18.24 0.42
C LYS A 398 16.79 -19.47 -0.05
N ALA A 399 15.67 -19.24 -0.72
CA ALA A 399 14.86 -20.35 -1.22
C ALA A 399 14.20 -20.00 -2.57
N TRP A 400 13.81 -21.02 -3.31
CA TRP A 400 13.08 -20.87 -4.57
C TRP A 400 11.83 -21.72 -4.34
N CYS A 401 10.65 -21.13 -4.49
CA CYS A 401 9.42 -21.88 -4.28
C CYS A 401 8.44 -21.70 -5.42
N ARG A 402 7.58 -22.71 -5.63
CA ARG A 402 6.60 -22.67 -6.72
C ARG A 402 5.20 -22.43 -6.18
N GLN A 403 4.53 -21.40 -6.67
CA GLN A 403 3.18 -21.07 -6.23
C GLN A 403 2.19 -22.15 -6.70
N LEU A 404 1.43 -22.72 -5.75
CA LEU A 404 0.44 -23.76 -6.08
C LEU A 404 -0.89 -23.07 -6.28
N GLY A 405 -1.20 -22.71 -7.52
CA GLY A 405 -2.45 -22.00 -7.81
C GLY A 405 -2.48 -20.59 -7.26
N GLU A 406 -3.61 -19.88 -7.41
CA GLU A 406 -3.73 -18.51 -6.92
C GLU A 406 -3.85 -18.41 -5.41
N LYS A 407 -4.34 -19.47 -4.75
CA LYS A 407 -4.57 -19.43 -3.31
C LYS A 407 -3.74 -20.36 -2.47
N GLY A 408 -3.02 -21.28 -3.11
CA GLY A 408 -2.25 -22.26 -2.35
C GLY A 408 -0.94 -21.71 -1.83
N PRO A 409 -0.19 -22.56 -1.14
CA PRO A 409 1.10 -22.13 -0.61
C PRO A 409 2.17 -22.03 -1.70
N CYS A 410 3.30 -21.39 -1.37
CA CYS A 410 4.44 -21.35 -2.28
C CYS A 410 5.28 -22.52 -1.77
N GLN A 411 5.31 -23.61 -2.52
CA GLN A 411 5.99 -24.84 -2.14
C GLN A 411 7.46 -24.83 -2.44
N ARG A 412 8.26 -25.03 -1.39
CA ARG A 412 9.72 -25.02 -1.49
C ARG A 412 10.22 -25.99 -2.55
N VAL A 413 11.10 -25.53 -3.44
CA VAL A 413 11.69 -26.35 -4.49
C VAL A 413 13.13 -26.67 -4.08
N VAL A 414 13.95 -25.64 -3.85
CA VAL A 414 15.35 -25.76 -3.46
C VAL A 414 15.69 -24.60 -2.51
N SER A 415 16.72 -24.80 -1.70
CA SER A 415 17.16 -23.77 -0.75
CA SER A 415 17.15 -23.80 -0.72
C SER A 415 18.68 -23.76 -0.65
N THR A 416 19.26 -22.65 -0.14
CA THR A 416 20.71 -22.58 -0.01
C THR A 416 21.11 -22.96 1.42
N HIS A 417 22.40 -23.20 1.67
CA HIS A 417 22.86 -23.52 3.03
C HIS A 417 24.08 -22.70 3.40
N LEU A 422 18.52 -28.85 0.55
CA LEU A 422 18.62 -29.42 -0.78
C LEU A 422 18.71 -28.28 -1.83
N SER A 423 19.92 -27.98 -2.32
CA SER A 423 20.10 -26.91 -3.31
C SER A 423 19.94 -27.38 -4.76
N PHE A 424 19.71 -28.68 -4.97
CA PHE A 424 19.59 -29.23 -6.31
C PHE A 424 18.46 -30.23 -6.28
N LEU A 425 17.57 -30.17 -7.26
CA LEU A 425 16.46 -31.10 -7.33
C LEU A 425 16.30 -31.61 -8.75
N ARG A 426 16.22 -32.93 -8.91
CA ARG A 426 15.99 -33.56 -10.20
C ARG A 426 14.53 -34.06 -10.16
N ARG A 427 13.71 -33.67 -11.15
CA ARG A 427 12.32 -34.12 -11.22
C ARG A 427 11.79 -33.92 -12.63
N TRP A 428 10.95 -34.83 -13.10
CA TRP A 428 10.34 -34.75 -14.45
C TRP A 428 11.36 -34.61 -15.58
N ASN A 429 12.48 -35.34 -15.47
CA ASN A 429 13.59 -35.36 -16.44
CA ASN A 429 13.58 -35.35 -16.45
C ASN A 429 14.30 -34.00 -16.57
N GLY A 430 14.14 -33.14 -15.58
CA GLY A 430 14.78 -31.85 -15.56
C GLY A 430 15.41 -31.62 -14.20
N SER A 431 15.94 -30.41 -14.00
CA SER A 431 16.57 -30.11 -12.72
C SER A 431 16.52 -28.62 -12.38
N THR A 432 16.64 -28.31 -11.09
CA THR A 432 16.65 -26.92 -10.62
C THR A 432 17.82 -26.82 -9.66
N ALA A 433 18.66 -25.81 -9.83
CA ALA A 433 19.79 -25.59 -8.94
C ALA A 433 19.75 -24.15 -8.47
N ILE A 434 20.12 -23.90 -7.21
CA ILE A 434 20.12 -22.54 -6.68
C ILE A 434 21.52 -22.18 -6.22
N THR A 435 22.00 -20.98 -6.59
CA THR A 435 23.31 -20.49 -6.17
CA THR A 435 23.32 -20.48 -6.22
C THR A 435 23.15 -19.05 -5.72
N ASP A 436 23.88 -18.67 -4.66
CA ASP A 436 23.76 -17.34 -4.11
C ASP A 436 25.06 -16.58 -4.05
N ASP A 437 25.08 -15.36 -4.61
CA ASP A 437 26.24 -14.50 -4.53
C ASP A 437 25.89 -13.49 -3.42
N THR A 438 26.29 -13.78 -2.19
CA THR A 438 25.91 -12.96 -1.03
C THR A 438 26.57 -11.59 -1.00
N LEU A 439 27.80 -11.50 -1.52
CA LEU A 439 28.47 -10.21 -1.56
C LEU A 439 27.82 -9.29 -2.59
N GLY A 440 27.48 -9.84 -3.75
CA GLY A 440 26.86 -9.05 -4.82
C GLY A 440 25.37 -8.87 -4.75
N GLY A 441 24.71 -9.66 -3.92
CA GLY A 441 23.26 -9.59 -3.79
C GLY A 441 22.56 -10.13 -5.04
N THR A 442 22.94 -11.32 -5.48
CA THR A 442 22.26 -11.92 -6.63
C THR A 442 22.01 -13.37 -6.39
N LEU A 443 20.74 -13.78 -6.39
CA LEU A 443 20.39 -15.18 -6.22
C LEU A 443 20.10 -15.69 -7.66
N THR A 444 20.67 -16.82 -8.07
CA THR A 444 20.47 -17.36 -9.42
C THR A 444 19.90 -18.76 -9.34
N ILE A 445 18.84 -19.01 -10.11
CA ILE A 445 18.20 -20.32 -10.15
C ILE A 445 18.39 -20.80 -11.58
N THR A 446 18.90 -22.02 -11.76
CA THR A 446 19.10 -22.55 -13.11
C THR A 446 18.16 -23.73 -13.29
N LEU A 447 17.32 -23.68 -14.32
CA LEU A 447 16.38 -24.74 -14.65
C LEU A 447 16.95 -25.44 -15.88
N ARG A 448 17.25 -26.73 -15.79
CA ARG A 448 17.79 -27.46 -16.94
C ARG A 448 16.72 -28.32 -17.56
N ASN A 449 16.75 -28.47 -18.91
CA ASN A 449 15.73 -29.20 -19.66
C ASN A 449 14.36 -28.62 -19.37
N LEU A 450 14.25 -27.30 -19.59
CA LEU A 450 13.01 -26.56 -19.37
C LEU A 450 11.89 -27.17 -20.20
N GLN A 451 10.73 -27.38 -19.59
CA GLN A 451 9.59 -27.95 -20.32
C GLN A 451 8.33 -27.20 -19.96
N PRO A 452 7.21 -27.33 -20.71
CA PRO A 452 5.98 -26.63 -20.31
C PRO A 452 5.55 -26.92 -18.86
N HIS A 453 5.88 -28.11 -18.34
CA HIS A 453 5.50 -28.42 -16.95
C HIS A 453 6.20 -27.49 -15.93
N ASP A 454 7.23 -26.73 -16.36
CA ASP A 454 7.94 -25.77 -15.50
C ASP A 454 7.29 -24.38 -15.54
N ALA A 455 6.41 -24.09 -16.52
CA ALA A 455 5.80 -22.77 -16.62
C ALA A 455 4.96 -22.48 -15.40
N GLY A 456 4.99 -21.23 -14.95
CA GLY A 456 4.20 -20.85 -13.79
C GLY A 456 4.86 -19.80 -12.92
N LEU A 457 4.24 -19.53 -11.79
CA LEU A 457 4.71 -18.50 -10.85
CA LEU A 457 4.73 -18.51 -10.86
C LEU A 457 5.59 -19.07 -9.74
N TYR A 458 6.70 -18.41 -9.48
CA TYR A 458 7.61 -18.81 -8.44
C TYR A 458 8.07 -17.59 -7.63
N GLN A 459 8.70 -17.84 -6.48
CA GLN A 459 9.28 -16.75 -5.70
C GLN A 459 10.71 -17.08 -5.35
N CYS A 460 11.56 -16.07 -5.38
CA CYS A 460 12.91 -16.11 -4.84
C CYS A 460 12.64 -15.56 -3.44
N GLN A 461 13.14 -16.21 -2.38
CA GLN A 461 12.87 -15.76 -1.02
C GLN A 461 14.13 -15.64 -0.16
N SER A 462 14.04 -14.81 0.86
CA SER A 462 15.11 -14.65 1.82
C SER A 462 14.50 -15.14 3.14
N LEU A 463 15.13 -16.10 3.81
CA LEU A 463 14.57 -16.67 5.03
C LEU A 463 15.15 -16.09 6.29
N HIS A 464 14.33 -15.94 7.32
CA HIS A 464 14.80 -15.44 8.62
C HIS A 464 13.81 -15.90 9.65
N GLY A 465 14.29 -16.74 10.58
CA GLY A 465 13.46 -17.33 11.62
C GLY A 465 12.44 -18.25 10.99
N SER A 466 11.16 -18.01 11.24
CA SER A 466 10.09 -18.79 10.64
C SER A 466 9.41 -18.02 9.46
N GLU A 467 9.92 -16.81 9.13
CA GLU A 467 9.41 -15.93 8.08
C GLU A 467 10.24 -16.03 6.78
N ALA A 468 9.64 -15.62 5.66
CA ALA A 468 10.30 -15.62 4.36
C ALA A 468 9.91 -14.31 3.68
N ASP A 469 10.90 -13.55 3.24
CA ASP A 469 10.65 -12.31 2.53
C ASP A 469 10.67 -12.62 1.03
N THR A 470 9.75 -12.05 0.25
CA THR A 470 9.76 -12.27 -1.18
C THR A 470 10.79 -11.34 -1.81
N LEU A 471 11.85 -11.90 -2.41
CA LEU A 471 12.85 -11.07 -3.10
C LEU A 471 12.36 -10.69 -4.48
N ARG A 472 11.61 -11.62 -5.13
CA ARG A 472 11.09 -11.41 -6.46
C ARG A 472 10.07 -12.49 -6.76
N LYS A 473 9.01 -12.13 -7.51
CA LYS A 473 8.04 -13.09 -8.02
C LYS A 473 8.40 -13.22 -9.50
N VAL A 474 8.54 -14.44 -9.97
CA VAL A 474 8.96 -14.72 -11.34
C VAL A 474 7.94 -15.58 -12.05
N LEU A 475 7.61 -15.21 -13.28
CA LEU A 475 6.72 -16.00 -14.09
C LEU A 475 7.61 -16.68 -15.10
N VAL A 476 7.76 -18.00 -15.01
CA VAL A 476 8.57 -18.75 -15.97
C VAL A 476 7.67 -19.04 -17.17
N GLU A 477 8.13 -18.63 -18.37
CA GLU A 477 7.39 -18.85 -19.60
C GLU A 477 8.23 -19.76 -20.49
N VAL A 478 7.59 -20.75 -21.11
CA VAL A 478 8.33 -21.71 -21.92
C VAL A 478 7.91 -21.62 -23.39
N LEU A 479 8.83 -21.21 -24.25
CA LEU A 479 8.56 -21.15 -25.68
C LEU A 479 8.69 -22.56 -26.23
N ALA A 480 7.94 -22.86 -27.30
CA ALA A 480 8.00 -24.19 -27.90
C ALA A 480 9.41 -24.47 -28.45
N ASP A 481 9.84 -25.73 -28.42
CA ASP A 481 11.14 -26.14 -29.01
C ASP A 481 10.88 -26.03 -30.53
N PRO A 482 11.66 -25.23 -31.25
CA PRO A 482 11.41 -25.08 -32.69
C PRO A 482 11.32 -26.42 -33.46
N LEU A 483 12.11 -27.41 -33.06
CA LEU A 483 12.07 -28.73 -33.68
C LEU A 483 10.74 -29.48 -33.45
N ASP A 484 9.95 -29.09 -32.44
CA ASP A 484 8.67 -29.76 -32.16
C ASP A 484 7.58 -29.51 -33.22
N HIS A 485 7.79 -28.51 -34.09
CA HIS A 485 6.85 -28.18 -35.16
C HIS A 485 7.43 -28.61 -36.55
N HIS A 486 8.46 -29.49 -36.58
CA HIS A 486 9.15 -29.97 -37.79
C HIS A 486 8.21 -30.39 -38.94
N HIS A 487 8.21 -29.60 -40.02
CA HIS A 487 7.37 -29.91 -41.19
C HIS A 487 7.86 -29.20 -42.46
N HIS A 488 7.29 -29.60 -43.59
CA HIS A 488 7.65 -28.99 -44.87
C HIS A 488 6.73 -27.80 -45.06
N HIS A 489 7.29 -26.58 -44.94
CA HIS A 489 6.52 -25.35 -45.11
C HIS A 489 6.11 -25.13 -46.60
N HIS A 490 5.20 -24.19 -46.84
CA HIS A 490 4.75 -23.88 -48.18
C HIS A 490 5.86 -23.19 -48.97
N HIS A 491 5.94 -23.47 -50.27
CA HIS A 491 6.94 -22.85 -51.14
C HIS A 491 6.25 -22.42 -52.46
N HIS A 492 6.94 -21.62 -53.28
CA HIS A 492 6.39 -21.19 -54.56
C HIS A 492 7.41 -21.41 -55.69
#